data_8CO7
#
_entry.id   8CO7
#
_cell.length_a   99.291
_cell.length_b   99.291
_cell.length_c   99.403
_cell.angle_alpha   90.00
_cell.angle_beta   90.00
_cell.angle_gamma   120.00
#
_symmetry.space_group_name_H-M   'P 63'
#
loop_
_entity.id
_entity.type
_entity.pdbx_description
1 polymer 'Adenylate cyclase type 10'
2 non-polymer 4-chloranyl-6-[1-methyl-4-(thiophen-2-ylmethyl)pyrazol-3-yl]pyrimidin-2-amine
3 non-polymer 'DIMETHYL SULFOXIDE'
4 non-polymer 'ACETATE ION'
5 non-polymer 1,2-ETHANEDIOL
6 non-polymer 'TETRAETHYLENE GLYCOL'
7 non-polymer 'TRIETHYLENE GLYCOL'
8 non-polymer 'CHLORIDE ION'
9 water water
#
_entity_poly.entity_id   1
_entity_poly.type   'polypeptide(L)'
_entity_poly.pdbx_seq_one_letter_code
;MNTPKEEFQDWPIVRIAAHLPDLIVYGHFSPERPFMDYFDGVLMFVDISGFTAMTEKFSSAMYMDRGAEQLVEILNYHIS
AIVEKVLIFGGDILKFAGDALLALWRVERKQLKNIITVVIKCSLEIHGLFETQEWEEGLDIRVKIGLAAGHISMLVFGDE
THSHFLVIGQAVDDVRLAQNMAQMNDVILSPNCWQLCDRSMIEIESVPDQRAVKVNFLKPPPNFNFDEFFTKCTTFMHYY
PSGEHKNLLRLA(CME)TLKPDPELEMSLQKYVMESILKQIDNKQLQGYLSELRPVTIVFVNLMFEDQDKAEEIGPAIQD
AYMHITSVLKIFQGQINKVFMFDKGCSFLCVFGFPGEKVPDELTHALECAMDIFDFCSQVHKIQTVSIGVASGIVFCGIV
GHTVRHEYTVIGQKVNLAARMMMYYPGIVTCDSVTYNGSNLPAYFFKELPKKVMKGVADSGPLYQYWGRTEKVHHHHHH
;
_entity_poly.pdbx_strand_id   A
#
# COMPACT_ATOMS: atom_id res chain seq x y z
N GLU A 7 -12.96 -30.43 3.65
CA GLU A 7 -11.57 -30.06 3.92
C GLU A 7 -11.49 -28.87 4.89
N PHE A 8 -10.89 -29.11 6.05
CA PHE A 8 -10.63 -28.02 7.00
C PHE A 8 -9.52 -27.12 6.47
N GLN A 9 -9.74 -25.81 6.52
CA GLN A 9 -8.76 -24.86 6.01
C GLN A 9 -8.53 -23.65 6.89
N ASP A 10 -9.07 -23.61 8.10
CA ASP A 10 -8.96 -22.42 8.94
C ASP A 10 -7.77 -22.49 9.90
N TRP A 11 -6.63 -23.01 9.46
CA TRP A 11 -5.46 -23.09 10.30
C TRP A 11 -4.84 -21.71 10.49
N PRO A 12 -4.11 -21.50 11.59
CA PRO A 12 -3.39 -20.23 11.75
C PRO A 12 -2.51 -19.87 10.56
N ILE A 13 -1.79 -20.83 9.95
CA ILE A 13 -0.94 -20.50 8.82
C ILE A 13 -1.76 -19.96 7.66
N VAL A 14 -2.98 -20.46 7.48
CA VAL A 14 -3.85 -19.93 6.41
C VAL A 14 -4.30 -18.50 6.71
N ARG A 15 -4.67 -18.23 7.96
CA ARG A 15 -5.10 -16.87 8.33
C ARG A 15 -3.97 -15.85 8.18
N ILE A 16 -2.75 -16.26 8.51
CA ILE A 16 -1.58 -15.40 8.31
C ILE A 16 -1.36 -15.14 6.82
N ALA A 17 -1.46 -16.17 5.99
CA ALA A 17 -1.21 -16.01 4.58
C ALA A 17 -2.25 -15.13 3.90
N ALA A 18 -3.44 -14.94 4.51
CA ALA A 18 -4.40 -13.99 3.97
C ALA A 18 -3.84 -12.57 3.90
N HIS A 19 -2.89 -12.23 4.78
CA HIS A 19 -2.32 -10.89 4.86
C HIS A 19 -1.14 -10.69 3.93
N LEU A 20 -0.82 -11.69 3.10
CA LEU A 20 0.36 -11.65 2.24
C LEU A 20 0.04 -12.07 0.83
N PRO A 21 0.81 -11.59 -0.15
CA PRO A 21 0.66 -12.06 -1.52
C PRO A 21 1.33 -13.41 -1.71
N ASP A 22 0.94 -14.06 -2.82
CA ASP A 22 1.61 -15.29 -3.28
C ASP A 22 3.11 -15.06 -3.51
N LEU A 23 3.49 -13.89 -4.01
CA LEU A 23 4.88 -13.48 -4.15
C LEU A 23 5.70 -13.84 -2.90
N ILE A 24 5.09 -13.70 -1.73
CA ILE A 24 5.75 -13.99 -0.46
C ILE A 24 5.40 -15.38 0.04
N VAL A 25 4.12 -15.76 0.00
CA VAL A 25 3.68 -17.05 0.54
C VAL A 25 4.38 -18.19 -0.16
N TYR A 26 4.53 -18.12 -1.48
CA TYR A 26 5.16 -19.17 -2.26
C TYR A 26 6.57 -18.81 -2.71
N GLY A 27 7.15 -17.78 -2.10
CA GLY A 27 8.57 -17.54 -2.29
C GLY A 27 9.40 -18.58 -1.56
N HIS A 28 10.58 -18.83 -2.07
CA HIS A 28 11.47 -19.79 -1.44
C HIS A 28 12.86 -19.20 -1.31
N PHE A 29 12.93 -18.00 -0.77
CA PHE A 29 14.19 -17.28 -0.73
C PHE A 29 14.81 -17.35 0.66
N SER A 30 16.08 -16.97 0.72
CA SER A 30 16.99 -17.23 1.81
C SER A 30 16.62 -16.46 3.07
N PRO A 31 17.52 -16.43 4.07
CA PRO A 31 17.28 -15.56 5.23
C PRO A 31 17.99 -14.23 5.11
N GLU A 32 19.01 -14.18 4.25
CA GLU A 32 19.78 -12.96 4.03
C GLU A 32 18.86 -11.76 3.88
N ARG A 33 19.25 -10.65 4.47
CA ARG A 33 18.58 -9.39 4.28
C ARG A 33 19.65 -8.37 3.93
N PRO A 34 19.49 -7.61 2.84
CA PRO A 34 18.32 -7.65 1.92
C PRO A 34 18.34 -8.87 1.02
N PHE A 35 17.17 -9.28 0.55
CA PHE A 35 17.03 -10.25 -0.51
C PHE A 35 16.39 -9.56 -1.72
N MET A 36 16.97 -9.79 -2.90
CA MET A 36 16.46 -9.17 -4.12
CA MET A 36 16.47 -9.17 -4.12
C MET A 36 16.31 -10.22 -5.22
N ASP A 37 15.23 -10.09 -5.99
CA ASP A 37 14.97 -10.97 -7.12
C ASP A 37 14.35 -10.15 -8.22
N TYR A 38 14.42 -10.66 -9.45
CA TYR A 38 14.04 -9.91 -10.64
C TYR A 38 13.15 -10.78 -11.51
N PHE A 39 12.19 -10.16 -12.17
CA PHE A 39 11.26 -10.89 -13.03
C PHE A 39 10.53 -9.88 -13.91
N ASP A 40 9.57 -10.37 -14.69
CA ASP A 40 8.74 -9.53 -15.54
C ASP A 40 7.28 -9.75 -15.16
N GLY A 41 6.45 -8.75 -15.42
CA GLY A 41 5.03 -8.92 -15.20
C GLY A 41 4.24 -7.71 -15.58
N VAL A 42 2.97 -7.77 -15.26
CA VAL A 42 2.01 -6.70 -15.48
C VAL A 42 1.50 -6.24 -14.13
N LEU A 43 1.40 -4.92 -13.95
CA LEU A 43 0.91 -4.37 -12.70
C LEU A 43 -0.39 -3.63 -12.96
N MET A 44 -1.26 -3.68 -11.96
CA MET A 44 -2.51 -2.91 -11.93
C MET A 44 -2.53 -2.11 -10.65
N PHE A 45 -2.68 -0.80 -10.76
CA PHE A 45 -2.94 0.05 -9.59
C PHE A 45 -4.35 0.61 -9.71
N VAL A 46 -5.14 0.46 -8.65
CA VAL A 46 -6.53 0.88 -8.63
C VAL A 46 -6.83 1.55 -7.29
N ASP A 47 -7.60 2.66 -7.35
CA ASP A 47 -8.16 3.27 -6.13
C ASP A 47 -9.59 3.72 -6.41
N ILE A 48 -10.29 4.11 -5.35
CA ILE A 48 -11.72 4.36 -5.41
C ILE A 48 -11.97 5.86 -5.33
N SER A 49 -12.96 6.31 -6.08
CA SER A 49 -13.34 7.71 -6.13
C SER A 49 -14.46 8.00 -5.14
N GLY A 50 -14.51 9.25 -4.67
CA GLY A 50 -15.49 9.65 -3.69
C GLY A 50 -15.30 9.00 -2.34
N PHE A 51 -14.11 8.46 -2.07
CA PHE A 51 -13.88 7.72 -0.84
C PHE A 51 -13.58 8.63 0.34
N THR A 52 -12.60 9.53 0.21
CA THR A 52 -12.29 10.42 1.32
C THR A 52 -13.48 11.30 1.66
N ALA A 53 -14.35 11.58 0.69
CA ALA A 53 -15.64 12.19 0.98
C ALA A 53 -16.41 11.36 2.00
N MET A 54 -16.34 10.02 1.89
CA MET A 54 -17.01 9.18 2.87
C MET A 54 -16.25 9.15 4.19
N THR A 55 -14.92 9.09 4.14
CA THR A 55 -14.14 9.04 5.37
CA THR A 55 -14.15 9.05 5.37
C THR A 55 -14.52 10.20 6.29
N GLU A 56 -14.76 11.38 5.72
CA GLU A 56 -15.18 12.52 6.52
C GLU A 56 -16.58 12.32 7.07
N LYS A 57 -17.51 11.84 6.22
CA LYS A 57 -18.87 11.59 6.69
C LYS A 57 -18.88 10.67 7.89
N PHE A 58 -18.00 9.66 7.91
CA PHE A 58 -18.07 8.65 8.97
C PHE A 58 -17.46 9.09 10.28
N SER A 59 -16.65 10.14 10.29
CA SER A 59 -16.19 10.72 11.54
C SER A 59 -17.26 11.61 12.19
N SER A 60 -18.41 11.78 11.53
CA SER A 60 -19.49 12.63 12.02
C SER A 60 -20.27 12.00 13.16
N ALA A 61 -20.83 12.85 14.01
CA ALA A 61 -21.69 12.36 15.09
C ALA A 61 -22.91 11.61 14.56
N MET A 62 -23.22 11.74 13.26
N MET A 62 -23.21 11.72 13.26
CA MET A 62 -24.35 11.01 12.68
CA MET A 62 -24.36 11.02 12.70
C MET A 62 -24.25 9.51 12.96
C MET A 62 -24.25 9.50 12.87
N TYR A 63 -23.03 8.97 12.92
CA TYR A 63 -22.83 7.53 12.98
C TYR A 63 -22.74 7.00 14.39
N MET A 64 -23.10 7.81 15.38
CA MET A 64 -23.37 7.40 16.75
C MET A 64 -22.34 6.41 17.27
N ASP A 65 -21.09 6.79 17.20
CA ASP A 65 -19.97 6.00 17.72
C ASP A 65 -19.73 4.68 16.99
N ARG A 66 -20.37 4.45 15.84
CA ARG A 66 -20.06 3.27 15.02
C ARG A 66 -19.54 3.67 13.64
N GLY A 67 -18.89 4.83 13.57
CA GLY A 67 -18.32 5.28 12.31
C GLY A 67 -17.27 4.34 11.76
N ALA A 68 -16.37 3.85 12.61
CA ALA A 68 -15.29 3.00 12.14
C ALA A 68 -15.82 1.67 11.63
N GLU A 69 -16.77 1.09 12.37
CA GLU A 69 -17.42 -0.16 11.96
C GLU A 69 -18.18 0.01 10.65
N GLN A 70 -18.90 1.12 10.49
CA GLN A 70 -19.64 1.33 9.26
C GLN A 70 -18.71 1.57 8.09
N LEU A 71 -17.61 2.29 8.32
CA LEU A 71 -16.66 2.58 7.24
CA LEU A 71 -16.65 2.59 7.25
C LEU A 71 -16.00 1.31 6.74
N VAL A 72 -15.49 0.48 7.65
CA VAL A 72 -14.82 -0.76 7.26
CA VAL A 72 -14.82 -0.74 7.24
C VAL A 72 -15.79 -1.66 6.50
N GLU A 73 -17.05 -1.69 6.95
CA GLU A 73 -18.05 -2.53 6.31
C GLU A 73 -18.29 -2.09 4.86
N ILE A 74 -18.69 -0.84 4.66
CA ILE A 74 -18.99 -0.39 3.30
C ILE A 74 -17.72 -0.45 2.44
N LEU A 75 -16.56 -0.17 3.03
CA LEU A 75 -15.33 -0.16 2.26
C LEU A 75 -14.97 -1.57 1.82
N ASN A 76 -15.08 -2.54 2.74
CA ASN A 76 -14.80 -3.93 2.38
C ASN A 76 -15.84 -4.52 1.45
N TYR A 77 -17.09 -4.02 1.49
CA TYR A 77 -18.08 -4.43 0.52
C TYR A 77 -17.59 -4.20 -0.92
N HIS A 78 -17.05 -3.02 -1.17
CA HIS A 78 -16.61 -2.70 -2.52
C HIS A 78 -15.21 -3.24 -2.82
N ILE A 79 -14.26 -3.07 -1.88
CA ILE A 79 -12.89 -3.54 -2.09
C ILE A 79 -12.85 -5.05 -2.30
N SER A 80 -13.66 -5.79 -1.54
CA SER A 80 -13.60 -7.25 -1.68
C SER A 80 -14.12 -7.69 -3.05
N ALA A 81 -14.98 -6.91 -3.69
CA ALA A 81 -15.44 -7.25 -5.02
C ALA A 81 -14.33 -7.03 -6.06
N ILE A 82 -13.53 -5.98 -5.86
CA ILE A 82 -12.36 -5.76 -6.70
C ILE A 82 -11.37 -6.91 -6.54
N VAL A 83 -11.13 -7.30 -5.30
CA VAL A 83 -10.17 -8.36 -5.00
C VAL A 83 -10.59 -9.66 -5.64
N GLU A 84 -11.90 -9.98 -5.58
N GLU A 84 -11.90 -9.97 -5.59
CA GLU A 84 -12.39 -11.20 -6.21
CA GLU A 84 -12.39 -11.20 -6.21
C GLU A 84 -12.09 -11.18 -7.71
C GLU A 84 -12.12 -11.18 -7.72
N LYS A 85 -12.41 -10.05 -8.38
CA LYS A 85 -12.14 -9.95 -9.81
C LYS A 85 -10.65 -10.18 -10.09
N VAL A 86 -9.79 -9.50 -9.35
CA VAL A 86 -8.34 -9.64 -9.59
C VAL A 86 -7.93 -11.10 -9.46
N LEU A 87 -8.35 -11.75 -8.37
CA LEU A 87 -7.94 -13.12 -8.11
C LEU A 87 -8.50 -14.10 -9.14
N ILE A 88 -9.77 -13.94 -9.54
CA ILE A 88 -10.34 -14.77 -10.59
C ILE A 88 -9.59 -14.64 -11.90
N PHE A 89 -9.05 -13.46 -12.18
CA PHE A 89 -8.31 -13.24 -13.42
C PHE A 89 -6.83 -13.60 -13.27
N GLY A 90 -6.46 -14.21 -12.16
CA GLY A 90 -5.12 -14.76 -11.98
C GLY A 90 -4.09 -13.82 -11.39
N GLY A 91 -4.52 -12.67 -10.84
CA GLY A 91 -3.57 -11.72 -10.29
C GLY A 91 -3.28 -11.95 -8.81
N ASP A 92 -2.19 -11.34 -8.34
CA ASP A 92 -1.67 -11.43 -6.99
C ASP A 92 -1.73 -10.03 -6.40
N ILE A 93 -2.56 -9.84 -5.36
CA ILE A 93 -2.67 -8.51 -4.75
C ILE A 93 -1.47 -8.31 -3.82
N LEU A 94 -0.62 -7.35 -4.13
CA LEU A 94 0.63 -7.22 -3.40
C LEU A 94 0.41 -6.50 -2.08
N LYS A 95 -0.29 -5.37 -2.09
CA LYS A 95 -0.50 -4.56 -0.90
C LYS A 95 -1.78 -3.74 -1.05
N PHE A 96 -2.39 -3.43 0.09
CA PHE A 96 -3.48 -2.49 0.22
C PHE A 96 -3.00 -1.24 0.96
N ALA A 97 -3.55 -0.11 0.60
CA ALA A 97 -3.42 1.13 1.32
C ALA A 97 -4.74 1.86 1.22
N GLY A 98 -5.41 2.06 2.34
CA GLY A 98 -6.75 2.65 2.32
C GLY A 98 -7.66 2.07 1.26
N ASP A 99 -8.05 2.87 0.28
CA ASP A 99 -8.94 2.43 -0.79
C ASP A 99 -8.19 2.04 -2.06
N ALA A 100 -6.87 1.85 -1.99
CA ALA A 100 -6.04 1.56 -3.16
C ALA A 100 -5.42 0.19 -3.01
N LEU A 101 -5.08 -0.43 -4.14
CA LEU A 101 -4.34 -1.68 -4.09
C LEU A 101 -3.51 -1.85 -5.34
N LEU A 102 -2.40 -2.55 -5.19
CA LEU A 102 -1.46 -2.85 -6.26
C LEU A 102 -1.49 -4.34 -6.51
N ALA A 103 -1.66 -4.75 -7.78
CA ALA A 103 -1.74 -6.17 -8.13
C ALA A 103 -0.73 -6.50 -9.22
N LEU A 104 -0.25 -7.75 -9.18
CA LEU A 104 0.80 -8.24 -10.03
C LEU A 104 0.38 -9.51 -10.74
N TRP A 105 0.62 -9.53 -12.06
CA TRP A 105 0.60 -10.73 -12.87
C TRP A 105 2.04 -10.98 -13.30
N ARG A 106 2.72 -11.88 -12.61
CA ARG A 106 4.11 -12.22 -12.91
C ARG A 106 4.14 -13.31 -13.97
N VAL A 107 4.88 -13.10 -15.05
CA VAL A 107 4.97 -14.08 -16.14
C VAL A 107 6.29 -13.92 -16.87
N GLU A 108 6.62 -14.91 -17.67
CA GLU A 108 7.78 -14.80 -18.54
C GLU A 108 7.51 -13.80 -19.65
N ARG A 109 8.60 -13.23 -20.18
CA ARG A 109 8.49 -12.15 -21.15
C ARG A 109 7.66 -12.54 -22.35
N LYS A 110 7.76 -13.79 -22.79
CA LYS A 110 7.05 -14.20 -24.00
C LYS A 110 5.54 -14.11 -23.82
N GLN A 111 5.04 -14.22 -22.59
CA GLN A 111 3.61 -14.21 -22.36
C GLN A 111 3.08 -12.83 -21.97
N LEU A 112 3.93 -11.82 -21.88
CA LEU A 112 3.48 -10.50 -21.46
C LEU A 112 2.32 -10.02 -22.33
N LYS A 113 2.47 -10.17 -23.65
CA LYS A 113 1.47 -9.68 -24.58
C LYS A 113 0.08 -10.23 -24.26
N ASN A 114 -0.03 -11.56 -24.12
CA ASN A 114 -1.33 -12.16 -23.87
C ASN A 114 -1.85 -11.81 -22.49
N ILE A 115 -0.98 -11.71 -21.49
CA ILE A 115 -1.46 -11.40 -20.15
C ILE A 115 -1.95 -9.98 -20.04
N ILE A 116 -1.34 -9.05 -20.78
CA ILE A 116 -1.88 -7.68 -20.79
C ILE A 116 -3.34 -7.69 -21.22
N THR A 117 -3.67 -8.49 -22.22
CA THR A 117 -5.08 -8.59 -22.63
C THR A 117 -5.94 -9.12 -21.49
N VAL A 118 -5.46 -10.14 -20.77
CA VAL A 118 -6.19 -10.64 -19.60
C VAL A 118 -6.41 -9.52 -18.57
N VAL A 119 -5.39 -8.70 -18.34
CA VAL A 119 -5.47 -7.68 -17.29
C VAL A 119 -6.39 -6.54 -17.71
N ILE A 120 -6.37 -6.18 -18.99
CA ILE A 120 -7.31 -5.16 -19.50
C ILE A 120 -8.74 -5.64 -19.35
N LYS A 121 -9.02 -6.90 -19.70
CA LYS A 121 -10.37 -7.44 -19.52
C LYS A 121 -10.78 -7.39 -18.05
N CYS A 122 -9.88 -7.80 -17.15
CA CYS A 122 -10.11 -7.68 -15.71
C CYS A 122 -10.46 -6.24 -15.32
N SER A 123 -9.65 -5.27 -15.79
CA SER A 123 -9.90 -3.87 -15.49
C SER A 123 -11.29 -3.46 -15.94
N LEU A 124 -11.67 -3.79 -17.18
CA LEU A 124 -13.00 -3.41 -17.66
C LEU A 124 -14.10 -4.07 -16.83
N GLU A 125 -13.89 -5.30 -16.39
CA GLU A 125 -14.89 -5.92 -15.53
C GLU A 125 -14.89 -5.28 -14.13
N ILE A 126 -13.76 -4.75 -13.68
CA ILE A 126 -13.79 -4.03 -12.41
C ILE A 126 -14.62 -2.77 -12.53
N HIS A 127 -14.41 -1.99 -13.60
CA HIS A 127 -15.26 -0.83 -13.83
C HIS A 127 -16.72 -1.23 -13.95
N GLY A 128 -17.00 -2.40 -14.52
CA GLY A 128 -18.39 -2.83 -14.68
C GLY A 128 -19.09 -3.00 -13.35
N LEU A 129 -18.35 -3.29 -12.29
CA LEU A 129 -18.94 -3.44 -10.96
C LEU A 129 -19.60 -2.14 -10.51
N PHE A 130 -19.05 -0.99 -10.92
CA PHE A 130 -19.41 0.30 -10.32
C PHE A 130 -20.26 1.17 -11.23
N GLU A 131 -20.61 0.68 -12.42
CA GLU A 131 -21.74 1.26 -13.13
C GLU A 131 -22.99 1.08 -12.28
N THR A 132 -23.82 2.12 -12.23
CA THR A 132 -25.10 2.03 -11.52
C THR A 132 -24.91 1.78 -10.03
N GLN A 133 -23.92 2.44 -9.43
CA GLN A 133 -23.63 2.25 -8.02
C GLN A 133 -23.21 3.57 -7.39
N GLU A 134 -23.58 3.72 -6.11
CA GLU A 134 -23.29 4.93 -5.35
C GLU A 134 -22.84 4.57 -3.94
N TRP A 135 -21.95 5.40 -3.39
CA TRP A 135 -21.65 5.34 -1.97
C TRP A 135 -22.89 5.66 -1.17
N GLU A 136 -23.36 6.90 -1.33
CA GLU A 136 -24.54 7.43 -0.68
C GLU A 136 -25.58 7.79 -1.73
N GLU A 137 -26.75 8.19 -1.27
CA GLU A 137 -27.70 8.89 -2.14
C GLU A 137 -26.99 10.11 -2.72
N GLY A 138 -26.68 10.08 -4.02
CA GLY A 138 -26.10 11.23 -4.68
C GLY A 138 -24.59 11.33 -4.65
N LEU A 139 -23.89 10.27 -4.29
CA LEU A 139 -22.42 10.24 -4.35
C LEU A 139 -22.00 8.96 -5.05
N ASP A 140 -21.55 9.08 -6.30
CA ASP A 140 -21.18 7.92 -7.09
C ASP A 140 -19.89 7.28 -6.57
N ILE A 141 -19.77 5.98 -6.78
CA ILE A 141 -18.55 5.23 -6.47
C ILE A 141 -17.97 4.73 -7.78
N ARG A 142 -16.75 5.16 -8.10
CA ARG A 142 -16.04 4.71 -9.30
C ARG A 142 -14.58 4.53 -8.92
N VAL A 143 -13.82 3.92 -9.83
CA VAL A 143 -12.42 3.65 -9.62
C VAL A 143 -11.62 4.16 -10.82
N LYS A 144 -10.30 4.22 -10.61
CA LYS A 144 -9.35 4.67 -11.60
C LYS A 144 -8.23 3.64 -11.65
N ILE A 145 -7.91 3.17 -12.86
CA ILE A 145 -6.99 2.05 -13.01
C ILE A 145 -5.85 2.48 -13.91
N GLY A 146 -4.62 2.26 -13.44
CA GLY A 146 -3.43 2.35 -14.28
C GLY A 146 -2.83 0.96 -14.42
N LEU A 147 -2.29 0.68 -15.60
CA LEU A 147 -1.62 -0.60 -15.88
C LEU A 147 -0.23 -0.35 -16.46
N ALA A 148 0.72 -1.21 -16.10
CA ALA A 148 2.06 -1.15 -16.66
C ALA A 148 2.58 -2.57 -16.86
N ALA A 149 3.66 -2.68 -17.62
CA ALA A 149 4.26 -3.97 -17.92
C ALA A 149 5.76 -3.77 -18.13
N GLY A 150 6.53 -4.79 -17.78
CA GLY A 150 7.95 -4.80 -18.01
C GLY A 150 8.76 -5.42 -16.88
N HIS A 151 10.00 -4.96 -16.72
CA HIS A 151 10.90 -5.53 -15.72
C HIS A 151 10.50 -5.07 -14.32
N ILE A 152 10.58 -5.98 -13.36
CA ILE A 152 10.23 -5.69 -11.96
C ILE A 152 11.26 -6.35 -11.06
N SER A 153 11.73 -5.61 -10.07
CA SER A 153 12.61 -6.13 -9.04
C SER A 153 11.85 -6.17 -7.72
N MET A 154 11.99 -7.28 -7.00
CA MET A 154 11.44 -7.36 -5.66
CA MET A 154 11.45 -7.41 -5.65
C MET A 154 12.57 -7.23 -4.65
N LEU A 155 12.26 -6.62 -3.51
CA LEU A 155 13.20 -6.44 -2.43
C LEU A 155 12.55 -6.90 -1.14
N VAL A 156 13.26 -7.73 -0.37
CA VAL A 156 12.82 -8.09 0.98
C VAL A 156 13.89 -7.64 1.96
N PHE A 157 13.46 -6.98 3.02
CA PHE A 157 14.37 -6.48 4.06
C PHE A 157 13.71 -6.73 5.42
N GLY A 158 14.55 -6.72 6.44
CA GLY A 158 14.06 -6.89 7.79
C GLY A 158 15.17 -7.40 8.71
N ASP A 159 14.77 -7.69 9.93
CA ASP A 159 15.71 -8.23 10.92
C ASP A 159 15.25 -9.66 11.26
N GLU A 160 15.71 -10.18 12.39
CA GLU A 160 15.41 -11.57 12.72
C GLU A 160 13.93 -11.80 13.01
N THR A 161 13.18 -10.76 13.37
CA THR A 161 11.81 -10.91 13.79
C THR A 161 10.77 -10.30 12.84
N HIS A 162 11.16 -9.41 11.93
CA HIS A 162 10.24 -8.68 11.08
C HIS A 162 10.76 -8.69 9.65
N SER A 163 9.84 -8.79 8.69
CA SER A 163 10.16 -8.72 7.27
C SER A 163 9.18 -7.76 6.57
N HIS A 164 9.69 -7.14 5.51
CA HIS A 164 8.97 -6.18 4.71
C HIS A 164 9.38 -6.46 3.27
N PHE A 165 8.51 -6.12 2.33
CA PHE A 165 8.84 -6.34 0.92
C PHE A 165 8.33 -5.19 0.07
N LEU A 166 9.00 -5.00 -1.08
CA LEU A 166 8.65 -4.01 -2.07
C LEU A 166 8.87 -4.58 -3.45
N VAL A 167 8.22 -3.95 -4.45
CA VAL A 167 8.58 -4.11 -5.84
C VAL A 167 9.10 -2.77 -6.33
N ILE A 168 10.06 -2.80 -7.25
CA ILE A 168 10.85 -1.63 -7.65
C ILE A 168 11.08 -1.68 -9.15
N GLY A 169 11.21 -0.50 -9.76
CA GLY A 169 11.65 -0.38 -11.14
C GLY A 169 10.75 0.51 -11.96
N GLN A 170 11.06 0.59 -13.26
CA GLN A 170 10.35 1.53 -14.13
C GLN A 170 8.89 1.11 -14.33
N ALA A 171 8.63 -0.18 -14.45
CA ALA A 171 7.24 -0.64 -14.55
C ALA A 171 6.44 -0.23 -13.32
N VAL A 172 7.05 -0.30 -12.14
CA VAL A 172 6.38 0.16 -10.93
C VAL A 172 6.15 1.67 -11.02
N ASP A 173 7.20 2.42 -11.34
CA ASP A 173 7.03 3.86 -11.50
C ASP A 173 5.99 4.15 -12.56
N ASP A 174 5.98 3.37 -13.64
CA ASP A 174 5.10 3.62 -14.78
C ASP A 174 3.63 3.47 -14.38
N VAL A 175 3.30 2.43 -13.60
CA VAL A 175 1.90 2.18 -13.24
C VAL A 175 1.41 3.24 -12.27
N ARG A 176 2.28 3.75 -11.41
CA ARG A 176 1.90 4.87 -10.54
C ARG A 176 1.52 6.08 -11.38
N LEU A 177 2.35 6.41 -12.37
CA LEU A 177 2.09 7.58 -13.21
C LEU A 177 0.84 7.38 -14.06
N ALA A 178 0.67 6.19 -14.65
CA ALA A 178 -0.52 5.91 -15.44
C ALA A 178 -1.79 6.05 -14.61
N GLN A 179 -1.77 5.54 -13.37
CA GLN A 179 -2.95 5.63 -12.54
C GLN A 179 -3.25 7.06 -12.11
N ASN A 180 -2.25 7.94 -12.04
CA ASN A 180 -2.54 9.30 -11.65
C ASN A 180 -3.17 10.10 -12.80
N MET A 181 -2.88 9.70 -14.05
CA MET A 181 -3.62 10.34 -15.15
C MET A 181 -5.09 9.90 -15.19
N ALA A 182 -5.38 8.68 -14.75
CA ALA A 182 -6.70 8.11 -14.92
C ALA A 182 -7.76 8.95 -14.22
N GLN A 183 -8.82 9.28 -14.95
CA GLN A 183 -10.02 9.85 -14.35
C GLN A 183 -11.00 8.72 -14.01
N MET A 184 -12.12 9.08 -13.40
CA MET A 184 -13.15 8.08 -13.10
C MET A 184 -13.45 7.27 -14.35
N ASN A 185 -13.42 5.95 -14.20
CA ASN A 185 -13.78 4.95 -15.20
C ASN A 185 -12.68 4.70 -16.23
N ASP A 186 -11.51 5.31 -16.09
CA ASP A 186 -10.47 5.17 -17.10
C ASP A 186 -9.62 3.94 -16.83
N VAL A 187 -9.10 3.36 -17.90
CA VAL A 187 -8.02 2.38 -17.85
C VAL A 187 -6.88 2.98 -18.66
N ILE A 188 -5.80 3.36 -17.98
CA ILE A 188 -4.65 3.99 -18.63
C ILE A 188 -3.54 2.98 -18.70
N LEU A 189 -2.91 2.86 -19.88
CA LEU A 189 -1.78 1.96 -20.10
C LEU A 189 -0.47 2.76 -20.16
N SER A 190 0.56 2.30 -19.47
CA SER A 190 1.87 2.90 -19.60
C SER A 190 2.35 2.78 -21.04
N PRO A 191 3.28 3.63 -21.47
CA PRO A 191 3.81 3.50 -22.84
C PRO A 191 4.42 2.13 -23.13
N ASN A 192 5.12 1.53 -22.17
CA ASN A 192 5.71 0.23 -22.43
C ASN A 192 4.65 -0.87 -22.50
N CYS A 193 3.61 -0.75 -21.69
CA CYS A 193 2.47 -1.65 -21.81
C CYS A 193 1.84 -1.55 -23.20
N TRP A 194 1.58 -0.33 -23.65
CA TRP A 194 1.04 -0.15 -24.99
C TRP A 194 1.97 -0.73 -26.05
N GLN A 195 3.28 -0.60 -25.86
CA GLN A 195 4.22 -1.12 -26.82
C GLN A 195 4.25 -2.64 -26.84
N LEU A 196 3.97 -3.29 -25.70
CA LEU A 196 4.04 -4.73 -25.61
C LEU A 196 2.70 -5.43 -25.85
N CYS A 197 1.59 -4.70 -25.83
CA CYS A 197 0.28 -5.30 -25.87
C CYS A 197 -0.14 -5.71 -27.28
N ASP A 198 -1.25 -6.43 -27.36
CA ASP A 198 -1.84 -6.88 -28.63
C ASP A 198 -2.64 -5.73 -29.23
N ARG A 199 -1.94 -4.87 -29.96
CA ARG A 199 -2.57 -3.68 -30.52
C ARG A 199 -3.63 -4.03 -31.55
N SER A 200 -3.60 -5.26 -32.08
CA SER A 200 -4.65 -5.76 -32.96
C SER A 200 -6.00 -5.84 -32.27
N MET A 201 -6.04 -5.67 -30.96
CA MET A 201 -7.20 -6.01 -30.16
C MET A 201 -7.63 -4.90 -29.22
N ILE A 202 -6.75 -3.95 -28.91
CA ILE A 202 -7.03 -2.89 -27.94
C ILE A 202 -7.13 -1.58 -28.71
N GLU A 203 -8.31 -0.95 -28.64
CA GLU A 203 -8.54 0.35 -29.24
C GLU A 203 -8.31 1.41 -28.17
N ILE A 204 -7.37 2.34 -28.44
CA ILE A 204 -6.94 3.32 -27.48
C ILE A 204 -7.15 4.71 -28.06
N GLU A 205 -6.96 5.71 -27.20
CA GLU A 205 -6.90 7.10 -27.61
C GLU A 205 -5.74 7.77 -26.89
N SER A 206 -5.23 8.82 -27.52
CA SER A 206 -4.12 9.60 -26.99
C SER A 206 -4.49 10.24 -25.66
N VAL A 207 -3.48 10.50 -24.84
CA VAL A 207 -3.64 11.32 -23.65
C VAL A 207 -2.78 12.56 -23.84
N PRO A 208 -3.35 13.76 -23.79
CA PRO A 208 -2.59 14.97 -24.14
C PRO A 208 -1.28 15.06 -23.38
N ASP A 209 -0.24 15.50 -24.08
CA ASP A 209 1.05 15.81 -23.48
C ASP A 209 1.67 14.61 -22.78
N GLN A 210 1.19 13.41 -23.07
CA GLN A 210 1.71 12.21 -22.42
C GLN A 210 1.73 11.07 -23.42
N ARG A 211 2.74 10.20 -23.29
CA ARG A 211 2.87 9.04 -24.15
C ARG A 211 1.99 7.88 -23.71
N ALA A 212 1.51 7.89 -22.46
CA ALA A 212 0.57 6.87 -22.02
C ALA A 212 -0.75 7.01 -22.76
N VAL A 213 -1.45 5.89 -22.90
CA VAL A 213 -2.68 5.86 -23.69
C VAL A 213 -3.83 5.38 -22.84
N LYS A 214 -5.04 5.74 -23.26
CA LYS A 214 -6.28 5.33 -22.58
C LYS A 214 -6.97 4.26 -23.39
N VAL A 215 -7.41 3.19 -22.74
CA VAL A 215 -8.19 2.14 -23.39
C VAL A 215 -9.63 2.62 -23.57
N ASN A 216 -10.15 2.47 -24.78
CA ASN A 216 -11.57 2.71 -25.01
C ASN A 216 -12.34 1.41 -25.16
N PHE A 217 -11.88 0.50 -26.01
CA PHE A 217 -12.59 -0.76 -26.22
C PHE A 217 -11.60 -1.90 -26.40
N LEU A 218 -12.03 -3.07 -25.95
CA LEU A 218 -11.40 -4.34 -26.29
C LEU A 218 -12.23 -4.95 -27.41
N LYS A 219 -11.68 -4.95 -28.63
CA LYS A 219 -12.36 -5.47 -29.82
C LYS A 219 -11.59 -6.68 -30.33
N PRO A 220 -11.95 -7.88 -29.91
CA PRO A 220 -11.19 -9.07 -30.31
C PRO A 220 -11.66 -9.58 -31.66
N PRO A 221 -10.86 -10.43 -32.32
CA PRO A 221 -11.26 -10.96 -33.63
C PRO A 221 -12.55 -11.75 -33.54
N PRO A 222 -13.18 -12.02 -34.68
CA PRO A 222 -14.48 -12.71 -34.65
C PRO A 222 -14.44 -14.10 -34.06
N ASN A 223 -13.33 -14.83 -34.21
CA ASN A 223 -13.25 -16.18 -33.68
C ASN A 223 -12.75 -16.24 -32.24
N PHE A 224 -12.48 -15.09 -31.61
CA PHE A 224 -11.88 -15.07 -30.30
C PHE A 224 -12.90 -15.43 -29.23
N ASN A 225 -12.50 -16.32 -28.33
CA ASN A 225 -13.35 -16.71 -27.20
C ASN A 225 -12.55 -16.50 -25.93
N PHE A 226 -12.95 -15.51 -25.11
CA PHE A 226 -12.10 -15.11 -23.99
C PHE A 226 -11.90 -16.24 -23.00
N ASP A 227 -12.97 -16.99 -22.67
CA ASP A 227 -12.84 -18.06 -21.68
C ASP A 227 -11.81 -19.09 -22.11
N GLU A 228 -11.80 -19.43 -23.40
CA GLU A 228 -10.79 -20.35 -23.90
C GLU A 228 -9.42 -19.69 -23.88
N PHE A 229 -9.35 -18.42 -24.28
CA PHE A 229 -8.09 -17.70 -24.22
C PHE A 229 -7.55 -17.66 -22.79
N PHE A 230 -8.38 -17.29 -21.83
CA PHE A 230 -7.94 -17.25 -20.44
C PHE A 230 -7.43 -18.61 -19.99
N THR A 231 -8.22 -19.67 -20.25
CA THR A 231 -7.81 -21.01 -19.84
C THR A 231 -6.43 -21.34 -20.37
N LYS A 232 -6.13 -20.94 -21.61
CA LYS A 232 -4.79 -21.13 -22.14
C LYS A 232 -3.77 -20.31 -21.36
N CYS A 233 -4.13 -19.07 -20.99
CA CYS A 233 -3.21 -18.26 -20.22
C CYS A 233 -2.93 -18.85 -18.84
N THR A 234 -3.89 -19.59 -18.26
CA THR A 234 -3.62 -20.16 -16.93
C THR A 234 -2.50 -21.19 -16.96
N THR A 235 -2.17 -21.74 -18.13
CA THR A 235 -1.04 -22.65 -18.27
C THR A 235 0.22 -22.06 -17.69
N PHE A 236 0.38 -20.75 -17.79
CA PHE A 236 1.57 -20.07 -17.30
C PHE A 236 1.39 -19.51 -15.89
N MET A 237 0.29 -19.85 -15.20
CA MET A 237 0.03 -19.35 -13.85
C MET A 237 0.29 -20.48 -12.85
N HIS A 238 1.45 -20.43 -12.21
CA HIS A 238 1.93 -21.50 -11.34
C HIS A 238 0.92 -21.89 -10.28
N TYR A 239 0.24 -20.91 -9.68
CA TYR A 239 -0.61 -21.17 -8.52
C TYR A 239 -2.09 -20.85 -8.78
N TYR A 240 -2.55 -20.89 -10.02
CA TYR A 240 -3.97 -20.68 -10.26
C TYR A 240 -4.75 -21.88 -9.72
N PRO A 241 -5.79 -21.66 -8.92
CA PRO A 241 -6.53 -22.81 -8.33
C PRO A 241 -7.22 -23.66 -9.36
N SER A 242 -7.04 -24.99 -9.22
CA SER A 242 -7.41 -25.90 -10.29
C SER A 242 -7.79 -27.26 -9.74
N GLY A 243 -8.40 -28.05 -10.62
CA GLY A 243 -8.74 -29.42 -10.28
C GLY A 243 -9.72 -29.46 -9.12
N GLU A 244 -9.39 -30.23 -8.11
CA GLU A 244 -10.24 -30.31 -6.92
C GLU A 244 -10.37 -28.96 -6.22
N HIS A 245 -9.47 -28.03 -6.49
CA HIS A 245 -9.51 -26.71 -5.86
C HIS A 245 -9.98 -25.64 -6.83
N LYS A 246 -10.70 -26.06 -7.88
CA LYS A 246 -11.14 -25.16 -8.96
C LYS A 246 -11.85 -23.93 -8.42
N ASN A 247 -12.66 -24.07 -7.38
CA ASN A 247 -13.51 -22.96 -6.98
C ASN A 247 -13.01 -22.22 -5.72
N LEU A 248 -11.75 -22.41 -5.37
CA LEU A 248 -11.11 -21.57 -4.36
C LEU A 248 -10.56 -20.32 -5.03
N LEU A 249 -10.62 -19.20 -4.29
CA LEU A 249 -10.08 -17.95 -4.79
C LEU A 249 -8.56 -17.91 -4.71
N ARG A 250 -7.97 -18.62 -3.75
CA ARG A 250 -6.53 -18.63 -3.57
C ARG A 250 -6.10 -20.04 -3.21
N LEU A 251 -5.01 -20.48 -3.80
CA LEU A 251 -4.33 -21.69 -3.35
C LEU A 251 -3.87 -21.58 -1.89
N ALA A 252 -3.51 -20.38 -1.46
CA ALA A 252 -3.05 -20.15 -0.09
C ALA A 252 -4.06 -20.67 0.91
N THR A 254 -5.27 -23.39 0.96
CA THR A 254 -5.09 -24.81 1.15
C THR A 254 -3.82 -25.15 1.92
N LEU A 255 -3.07 -24.11 2.32
CA LEU A 255 -1.84 -24.33 3.07
C LEU A 255 -2.11 -25.18 4.30
N LYS A 256 -1.20 -26.11 4.58
CA LYS A 256 -1.30 -26.92 5.78
C LYS A 256 -0.22 -26.53 6.77
N PRO A 257 -0.42 -26.81 8.06
CA PRO A 257 0.56 -26.43 9.08
C PRO A 257 1.97 -26.85 8.69
N ASP A 258 2.90 -25.94 8.94
CA ASP A 258 4.29 -26.03 8.50
C ASP A 258 5.04 -25.01 9.37
N PRO A 259 5.59 -25.45 10.52
CA PRO A 259 6.18 -24.48 11.46
C PRO A 259 7.24 -23.60 10.85
N GLU A 260 8.12 -24.16 10.02
CA GLU A 260 9.17 -23.36 9.40
C GLU A 260 8.57 -22.29 8.49
N LEU A 261 7.57 -22.65 7.68
CA LEU A 261 6.93 -21.66 6.82
C LEU A 261 6.19 -20.61 7.63
N GLU A 262 5.42 -21.05 8.63
CA GLU A 262 4.67 -20.08 9.42
C GLU A 262 5.59 -19.10 10.11
N MET A 263 6.73 -19.59 10.61
CA MET A 263 7.71 -18.73 11.26
CA MET A 263 7.72 -18.73 11.26
C MET A 263 8.15 -17.61 10.34
N SER A 264 8.38 -17.91 9.06
N SER A 264 8.38 -17.90 9.07
CA SER A 264 8.79 -16.87 8.12
CA SER A 264 8.79 -16.84 8.15
C SER A 264 7.64 -15.92 7.82
C SER A 264 7.65 -15.92 7.78
N LEU A 265 6.44 -16.46 7.64
CA LEU A 265 5.30 -15.62 7.23
C LEU A 265 4.90 -14.65 8.34
N GLN A 266 4.98 -15.09 9.60
CA GLN A 266 4.49 -14.26 10.70
C GLN A 266 5.32 -13.02 10.88
N LYS A 267 6.61 -13.03 10.46
CA LYS A 267 7.43 -11.85 10.53
C LYS A 267 6.90 -10.68 9.70
N TYR A 268 6.06 -10.95 8.70
CA TYR A 268 5.48 -9.86 7.92
C TYR A 268 4.25 -9.22 8.55
N VAL A 269 3.73 -9.76 9.65
CA VAL A 269 2.42 -9.40 10.17
C VAL A 269 2.57 -8.78 11.55
N MET A 270 1.79 -7.71 11.81
CA MET A 270 1.88 -7.01 13.07
CA MET A 270 1.88 -7.00 13.08
C MET A 270 1.37 -7.88 14.22
N GLU A 271 2.00 -7.71 15.39
CA GLU A 271 1.72 -8.57 16.53
C GLU A 271 0.24 -8.57 16.94
N SER A 272 -0.41 -7.39 16.91
CA SER A 272 -1.80 -7.34 17.36
C SER A 272 -2.71 -8.10 16.38
N ILE A 273 -2.33 -8.13 15.10
CA ILE A 273 -3.04 -8.95 14.13
C ILE A 273 -2.85 -10.42 14.43
N LEU A 274 -1.61 -10.83 14.77
CA LEU A 274 -1.37 -12.23 15.08
C LEU A 274 -2.18 -12.65 16.30
N LYS A 275 -2.33 -11.73 17.25
CA LYS A 275 -3.13 -12.03 18.44
C LYS A 275 -4.56 -12.36 18.05
N GLN A 276 -5.12 -11.59 17.11
CA GLN A 276 -6.47 -11.86 16.64
CA GLN A 276 -6.47 -11.85 16.62
C GLN A 276 -6.52 -13.19 15.86
N ILE A 277 -5.51 -13.46 15.04
CA ILE A 277 -5.45 -14.72 14.32
C ILE A 277 -5.43 -15.91 15.28
N ASP A 278 -4.76 -15.77 16.41
CA ASP A 278 -4.70 -16.83 17.42
C ASP A 278 -5.93 -16.85 18.34
N ASN A 279 -6.92 -16.02 18.06
CA ASN A 279 -8.15 -15.98 18.88
C ASN A 279 -7.81 -15.67 20.32
N LYS A 280 -6.87 -14.75 20.51
CA LYS A 280 -6.58 -14.19 21.82
C LYS A 280 -6.98 -12.72 21.90
N GLN A 281 -7.72 -12.23 20.91
CA GLN A 281 -8.23 -10.87 20.87
CA GLN A 281 -8.29 -10.89 20.94
C GLN A 281 -9.50 -10.87 20.04
N LEU A 282 -10.49 -10.06 20.44
CA LEU A 282 -11.75 -9.98 19.71
C LEU A 282 -11.52 -9.55 18.26
N GLN A 283 -12.24 -10.22 17.34
CA GLN A 283 -12.02 -10.03 15.91
C GLN A 283 -12.39 -8.64 15.41
N GLY A 284 -13.08 -7.82 16.20
CA GLY A 284 -13.40 -6.46 15.82
C GLY A 284 -12.60 -5.41 16.55
N TYR A 285 -11.63 -5.81 17.37
CA TYR A 285 -10.86 -4.86 18.17
C TYR A 285 -10.17 -3.81 17.31
N LEU A 286 -9.71 -4.16 16.12
CA LEU A 286 -8.84 -3.31 15.32
C LEU A 286 -9.57 -2.35 14.40
N SER A 287 -10.90 -2.42 14.32
CA SER A 287 -11.69 -1.43 13.59
C SER A 287 -12.01 -0.29 14.53
N GLU A 288 -11.35 0.86 14.33
CA GLU A 288 -11.55 1.96 15.28
C GLU A 288 -11.17 3.30 14.66
N LEU A 289 -11.83 4.33 15.14
CA LEU A 289 -11.42 5.71 14.94
C LEU A 289 -10.57 6.09 16.15
N ARG A 290 -9.29 6.28 15.94
CA ARG A 290 -8.32 6.35 17.02
C ARG A 290 -7.42 7.57 16.84
N PRO A 291 -7.16 8.32 17.91
CA PRO A 291 -6.13 9.37 17.83
C PRO A 291 -4.75 8.73 17.75
N VAL A 292 -3.98 9.16 16.76
CA VAL A 292 -2.64 8.66 16.53
C VAL A 292 -1.75 9.80 16.05
N THR A 293 -0.46 9.53 16.00
CA THR A 293 0.50 10.43 15.39
C THR A 293 1.16 9.65 14.25
N ILE A 294 1.05 10.20 13.03
CA ILE A 294 1.63 9.64 11.82
C ILE A 294 3.02 10.22 11.63
N VAL A 295 4.00 9.35 11.41
CA VAL A 295 5.37 9.75 11.11
C VAL A 295 5.70 9.14 9.77
N PHE A 296 5.70 9.95 8.72
CA PHE A 296 5.83 9.47 7.35
C PHE A 296 7.23 9.81 6.88
N VAL A 297 8.08 8.80 6.73
CA VAL A 297 9.49 8.94 6.43
C VAL A 297 9.73 8.67 4.96
N ASN A 298 10.41 9.58 4.28
CA ASN A 298 10.76 9.43 2.88
C ASN A 298 12.27 9.42 2.69
N LEU A 299 12.78 8.37 2.02
CA LEU A 299 14.19 8.22 1.66
C LEU A 299 14.32 8.32 0.15
N MET A 300 15.01 9.35 -0.33
CA MET A 300 15.15 9.61 -1.76
CA MET A 300 15.15 9.61 -1.76
C MET A 300 16.53 9.18 -2.24
N PHE A 301 16.55 8.49 -3.38
CA PHE A 301 17.78 8.05 -4.02
C PHE A 301 17.96 8.81 -5.34
N GLU A 302 19.08 8.55 -6.01
CA GLU A 302 19.38 9.20 -7.26
C GLU A 302 18.72 8.48 -8.43
N ASP A 303 18.49 9.23 -9.51
CA ASP A 303 17.76 8.69 -10.65
C ASP A 303 18.49 7.50 -11.29
N GLN A 304 19.82 7.52 -11.27
CA GLN A 304 20.61 6.46 -11.88
C GLN A 304 20.85 5.28 -10.94
N ASP A 305 20.35 5.34 -9.71
CA ASP A 305 20.62 4.29 -8.73
C ASP A 305 19.96 2.99 -9.15
N LYS A 306 20.74 1.90 -9.12
CA LYS A 306 20.24 0.58 -9.46
C LYS A 306 19.57 -0.05 -8.24
N ALA A 307 18.63 -0.96 -8.51
CA ALA A 307 17.94 -1.63 -7.42
C ALA A 307 18.91 -2.36 -6.50
N GLU A 308 20.08 -2.76 -7.00
CA GLU A 308 21.02 -3.53 -6.18
C GLU A 308 21.86 -2.66 -5.26
N GLU A 309 21.90 -1.34 -5.49
CA GLU A 309 22.47 -0.44 -4.50
C GLU A 309 21.40 0.10 -3.55
N ILE A 310 20.16 0.17 -4.02
CA ILE A 310 19.06 0.67 -3.21
C ILE A 310 18.74 -0.29 -2.07
N GLY A 311 18.79 -1.58 -2.34
CA GLY A 311 18.42 -2.59 -1.35
C GLY A 311 19.23 -2.49 -0.07
N PRO A 312 20.56 -2.48 -0.20
CA PRO A 312 21.39 -2.36 1.01
C PRO A 312 21.12 -1.11 1.81
N ALA A 313 20.82 0.02 1.15
CA ALA A 313 20.57 1.25 1.88
C ALA A 313 19.23 1.23 2.62
N ILE A 314 18.18 0.66 2.01
CA ILE A 314 16.92 0.54 2.71
C ILE A 314 17.08 -0.38 3.92
N GLN A 315 17.81 -1.47 3.76
CA GLN A 315 18.07 -2.40 4.86
C GLN A 315 18.75 -1.68 6.03
N ASP A 316 19.83 -0.95 5.76
CA ASP A 316 20.52 -0.20 6.81
C ASP A 316 19.60 0.82 7.47
N ALA A 317 18.82 1.55 6.67
CA ALA A 317 17.90 2.51 7.21
C ALA A 317 16.86 1.82 8.06
N TYR A 318 16.36 0.68 7.58
CA TYR A 318 15.30 0.00 8.30
C TYR A 318 15.80 -0.44 9.67
N MET A 319 17.03 -0.94 9.75
CA MET A 319 17.54 -1.44 11.01
C MET A 319 17.55 -0.36 12.09
N HIS A 320 17.87 0.88 11.71
CA HIS A 320 17.80 1.94 12.68
C HIS A 320 16.36 2.42 12.90
N ILE A 321 15.54 2.43 11.85
CA ILE A 321 14.16 2.86 12.02
C ILE A 321 13.46 1.96 13.04
N THR A 322 13.65 0.65 12.93
CA THR A 322 12.89 -0.24 13.82
C THR A 322 13.38 -0.13 15.25
N SER A 323 14.69 0.09 15.47
CA SER A 323 15.21 0.24 16.83
CA SER A 323 15.21 0.24 16.83
C SER A 323 14.67 1.52 17.48
N VAL A 324 14.59 2.61 16.71
CA VAL A 324 14.04 3.85 17.26
C VAL A 324 12.56 3.68 17.56
N LEU A 325 11.80 3.08 16.62
CA LEU A 325 10.37 2.92 16.82
C LEU A 325 10.08 2.05 18.05
N LYS A 326 10.90 1.01 18.25
CA LYS A 326 10.74 0.14 19.42
C LYS A 326 10.86 0.94 20.70
N ILE A 327 11.88 1.82 20.77
CA ILE A 327 12.11 2.63 21.95
C ILE A 327 10.94 3.55 22.20
N PHE A 328 10.54 4.30 21.15
CA PHE A 328 9.48 5.28 21.28
C PHE A 328 8.09 4.67 21.11
N GLN A 329 8.01 3.36 20.89
CA GLN A 329 6.72 2.63 20.89
C GLN A 329 5.87 2.98 19.67
N GLY A 330 6.47 2.85 18.47
CA GLY A 330 5.76 3.03 17.23
C GLY A 330 5.82 1.78 16.38
N GLN A 331 5.09 1.81 15.26
CA GLN A 331 5.05 0.68 14.35
C GLN A 331 5.14 1.15 12.91
N ILE A 332 5.69 0.30 12.07
CA ILE A 332 5.62 0.50 10.62
C ILE A 332 4.32 -0.10 10.10
N ASN A 333 3.44 0.75 9.56
CA ASN A 333 2.18 0.27 9.02
C ASN A 333 2.31 -0.16 7.56
N LYS A 334 3.02 0.62 6.75
CA LYS A 334 3.24 0.29 5.35
C LYS A 334 4.59 0.82 4.91
N VAL A 335 5.12 0.21 3.85
CA VAL A 335 6.30 0.70 3.16
CA VAL A 335 6.29 0.70 3.16
C VAL A 335 5.98 0.65 1.66
N PHE A 336 6.33 1.72 0.94
CA PHE A 336 6.05 1.89 -0.47
CA PHE A 336 6.14 1.72 -0.49
C PHE A 336 7.31 2.45 -1.14
N MET A 337 7.36 2.34 -2.47
CA MET A 337 8.44 2.94 -3.24
C MET A 337 8.01 3.27 -4.65
N PHE A 338 8.30 4.51 -5.08
CA PHE A 338 8.15 4.89 -6.47
C PHE A 338 8.90 6.19 -6.69
N ASP A 339 9.36 6.39 -7.92
CA ASP A 339 10.07 7.61 -8.29
C ASP A 339 11.28 7.83 -7.37
N LYS A 340 12.05 6.76 -7.16
CA LYS A 340 13.29 6.77 -6.39
C LYS A 340 13.10 7.21 -4.94
N GLY A 341 11.88 7.18 -4.43
CA GLY A 341 11.62 7.43 -3.02
C GLY A 341 11.00 6.25 -2.29
N CYS A 342 11.65 5.78 -1.22
CA CYS A 342 11.13 4.70 -0.38
C CYS A 342 10.58 5.32 0.89
N SER A 343 9.31 5.08 1.17
CA SER A 343 8.62 5.77 2.25
CA SER A 343 8.61 5.77 2.24
C SER A 343 8.11 4.76 3.27
N PHE A 344 8.17 5.15 4.54
CA PHE A 344 7.72 4.35 5.66
C PHE A 344 6.58 5.09 6.36
N LEU A 345 5.42 4.44 6.41
CA LEU A 345 4.26 4.97 7.11
C LEU A 345 4.28 4.42 8.52
N CYS A 346 4.80 5.22 9.45
CA CYS A 346 4.93 4.81 10.85
C CYS A 346 3.82 5.47 11.67
N VAL A 347 3.42 4.82 12.75
CA VAL A 347 2.30 5.26 13.55
C VAL A 347 2.54 4.99 15.03
N PHE A 348 2.22 5.97 15.85
CA PHE A 348 2.30 5.90 17.29
C PHE A 348 0.89 5.99 17.83
N GLY A 349 0.52 5.03 18.66
CA GLY A 349 -0.75 5.07 19.36
C GLY A 349 -1.88 4.15 18.89
N PHE A 350 -1.61 3.13 18.09
CA PHE A 350 -2.65 2.20 17.67
C PHE A 350 -2.38 0.81 18.24
N PRO A 351 -3.37 -0.14 18.12
CA PRO A 351 -3.46 -1.23 19.10
C PRO A 351 -2.78 -1.02 20.44
N GLY A 352 -3.52 -0.38 21.34
CA GLY A 352 -3.11 -0.29 22.73
C GLY A 352 -1.78 0.41 22.97
N GLU A 353 -1.16 0.95 21.94
CA GLU A 353 0.17 1.54 22.08
C GLU A 353 0.12 3.03 22.44
N LYS A 354 -0.63 3.31 23.51
CA LYS A 354 -1.01 4.66 23.88
C LYS A 354 -0.23 5.14 25.09
N VAL A 355 0.60 6.17 24.91
CA VAL A 355 1.36 6.81 25.98
C VAL A 355 1.04 8.30 25.94
N PRO A 356 1.06 9.01 27.08
CA PRO A 356 0.63 10.43 27.04
C PRO A 356 1.57 11.34 26.27
N ASP A 357 2.89 11.12 26.36
CA ASP A 357 3.85 11.97 25.66
C ASP A 357 4.05 11.50 24.22
N GLU A 358 2.98 10.97 23.62
CA GLU A 358 3.05 10.46 22.25
C GLU A 358 3.66 11.48 21.31
N LEU A 359 3.37 12.77 21.52
CA LEU A 359 3.75 13.78 20.55
C LEU A 359 5.24 14.10 20.62
N THR A 360 5.74 14.35 21.83
CA THR A 360 7.17 14.59 22.00
C THR A 360 7.99 13.40 21.53
N HIS A 361 7.48 12.19 21.75
CA HIS A 361 8.23 11.00 21.34
C HIS A 361 8.21 10.84 19.82
N ALA A 362 7.12 11.25 19.16
CA ALA A 362 7.09 11.14 17.71
C ALA A 362 8.09 12.10 17.09
N LEU A 363 8.20 13.32 17.63
CA LEU A 363 9.15 14.28 17.11
C LEU A 363 10.60 13.85 17.35
N GLU A 364 10.93 13.55 18.61
CA GLU A 364 12.28 13.09 18.92
C GLU A 364 12.61 11.84 18.10
N CYS A 365 11.67 10.93 17.96
CA CYS A 365 11.91 9.76 17.13
C CYS A 365 12.16 10.14 15.67
N ALA A 366 11.39 11.07 15.14
CA ALA A 366 11.58 11.53 13.77
C ALA A 366 12.96 12.16 13.59
N MET A 367 13.35 13.05 14.51
CA MET A 367 14.67 13.66 14.39
C MET A 367 15.77 12.60 14.44
N ASP A 368 15.59 11.59 15.28
CA ASP A 368 16.56 10.49 15.34
C ASP A 368 16.63 9.75 14.02
N ILE A 369 15.49 9.36 13.46
CA ILE A 369 15.50 8.69 12.17
C ILE A 369 16.13 9.58 11.11
N PHE A 370 15.77 10.85 11.10
CA PHE A 370 16.37 11.80 10.16
C PHE A 370 17.88 11.82 10.29
N ASP A 371 18.39 12.05 11.50
CA ASP A 371 19.84 12.19 11.67
C ASP A 371 20.58 10.94 11.19
N PHE A 372 20.07 9.76 11.54
CA PHE A 372 20.77 8.53 11.17
C PHE A 372 20.66 8.27 9.67
N CYS A 373 19.47 8.37 9.12
CA CYS A 373 19.30 8.01 7.71
C CYS A 373 20.03 8.97 6.78
N SER A 374 20.19 10.22 7.21
CA SER A 374 20.97 11.18 6.43
C SER A 374 22.42 10.75 6.29
N GLN A 375 22.88 9.83 7.14
CA GLN A 375 24.25 9.35 7.09
C GLN A 375 24.40 8.05 6.29
N VAL A 376 23.33 7.49 5.78
CA VAL A 376 23.41 6.24 5.04
C VAL A 376 23.88 6.54 3.63
N HIS A 377 24.74 5.67 3.11
CA HIS A 377 25.55 6.00 1.96
C HIS A 377 24.74 6.58 0.80
N LYS A 378 23.86 5.80 0.24
CA LYS A 378 23.25 6.16 -1.02
C LYS A 378 21.98 7.00 -0.88
N ILE A 379 21.60 7.36 0.34
CA ILE A 379 20.36 8.12 0.55
C ILE A 379 20.67 9.59 0.31
N GLN A 380 20.01 10.19 -0.69
CA GLN A 380 20.33 11.55 -1.12
C GLN A 380 19.63 12.59 -0.27
N THR A 381 18.37 12.33 0.10
CA THR A 381 17.57 13.23 0.89
C THR A 381 16.70 12.42 1.84
N VAL A 382 16.53 12.93 3.06
CA VAL A 382 15.56 12.38 4.00
C VAL A 382 14.51 13.45 4.27
N SER A 383 13.24 13.04 4.34
CA SER A 383 12.15 13.95 4.62
C SER A 383 11.13 13.24 5.49
N ILE A 384 10.63 13.94 6.51
CA ILE A 384 9.71 13.34 7.48
C ILE A 384 8.57 14.30 7.76
N GLY A 385 7.35 13.82 7.60
CA GLY A 385 6.15 14.58 7.96
C GLY A 385 5.48 13.96 9.17
N VAL A 386 5.14 14.80 10.13
CA VAL A 386 4.52 14.35 11.38
C VAL A 386 3.16 15.03 11.50
N ALA A 387 2.10 14.25 11.60
CA ALA A 387 0.75 14.76 11.78
C ALA A 387 0.00 13.91 12.80
N SER A 388 -0.86 14.57 13.58
N SER A 388 -0.86 14.57 13.58
CA SER A 388 -1.56 13.91 14.68
CA SER A 388 -1.57 13.90 14.66
C SER A 388 -3.05 14.22 14.59
C SER A 388 -3.05 14.22 14.59
N GLY A 389 -3.86 13.22 14.89
CA GLY A 389 -5.30 13.37 14.86
C GLY A 389 -6.00 12.03 14.78
N ILE A 390 -7.30 12.11 14.51
CA ILE A 390 -8.17 10.95 14.47
C ILE A 390 -8.06 10.29 13.10
N VAL A 391 -7.71 9.00 13.09
CA VAL A 391 -7.57 8.23 11.86
CA VAL A 391 -7.52 8.20 11.88
C VAL A 391 -8.38 6.96 11.99
N PHE A 392 -8.80 6.43 10.84
CA PHE A 392 -9.48 5.15 10.79
CA PHE A 392 -9.47 5.14 10.82
C PHE A 392 -8.43 4.04 10.72
N CYS A 393 -8.61 2.99 11.50
CA CYS A 393 -7.77 1.81 11.49
C CYS A 393 -8.67 0.61 11.27
N GLY A 394 -8.17 -0.40 10.57
CA GLY A 394 -8.96 -1.62 10.36
C GLY A 394 -8.33 -2.52 9.30
N ILE A 395 -8.82 -3.74 9.26
CA ILE A 395 -8.37 -4.71 8.27
C ILE A 395 -9.25 -4.54 7.03
N VAL A 396 -8.61 -4.19 5.92
CA VAL A 396 -9.31 -3.87 4.68
C VAL A 396 -9.04 -4.96 3.65
N GLY A 397 -10.06 -5.32 2.88
CA GLY A 397 -9.92 -6.30 1.83
C GLY A 397 -10.98 -7.36 1.82
N HIS A 398 -10.60 -8.53 1.34
CA HIS A 398 -11.44 -9.70 1.23
C HIS A 398 -11.03 -10.70 2.33
N THR A 399 -12.00 -11.53 2.72
CA THR A 399 -11.71 -12.61 3.65
C THR A 399 -10.41 -13.33 3.32
N VAL A 400 -10.20 -13.66 2.03
CA VAL A 400 -9.01 -14.44 1.68
C VAL A 400 -7.76 -13.59 1.44
N ARG A 401 -7.89 -12.26 1.41
CA ARG A 401 -6.74 -11.40 1.11
C ARG A 401 -7.07 -10.00 1.61
N HIS A 402 -6.42 -9.61 2.70
CA HIS A 402 -6.70 -8.35 3.39
C HIS A 402 -5.47 -7.92 4.16
N GLU A 403 -5.45 -6.64 4.55
CA GLU A 403 -4.33 -6.09 5.30
C GLU A 403 -4.84 -5.00 6.26
N TYR A 404 -4.18 -4.91 7.42
CA TYR A 404 -4.40 -3.80 8.32
C TYR A 404 -3.91 -2.51 7.65
N THR A 405 -4.68 -1.45 7.80
CA THR A 405 -4.40 -0.20 7.11
C THR A 405 -4.97 0.95 7.94
N VAL A 406 -4.38 2.14 7.75
CA VAL A 406 -4.86 3.35 8.38
C VAL A 406 -5.29 4.34 7.31
N ILE A 407 -6.34 5.10 7.58
CA ILE A 407 -6.98 5.97 6.60
C ILE A 407 -7.33 7.29 7.29
N GLY A 408 -6.95 8.40 6.68
CA GLY A 408 -7.44 9.68 7.19
C GLY A 408 -6.71 10.86 6.60
N GLN A 409 -7.30 12.03 6.86
CA GLN A 409 -6.72 13.30 6.44
C GLN A 409 -5.32 13.48 6.99
N LYS A 410 -5.07 13.06 8.24
CA LYS A 410 -3.75 13.25 8.81
C LYS A 410 -2.73 12.33 8.17
N VAL A 411 -3.12 11.14 7.72
CA VAL A 411 -2.23 10.29 6.92
C VAL A 411 -1.83 11.00 5.65
N ASN A 412 -2.82 11.52 4.92
CA ASN A 412 -2.54 12.22 3.67
C ASN A 412 -1.68 13.45 3.91
N LEU A 413 -1.94 14.17 5.02
CA LEU A 413 -1.19 15.38 5.30
C LEU A 413 0.29 15.08 5.52
N ALA A 414 0.58 14.12 6.43
CA ALA A 414 1.97 13.73 6.61
C ALA A 414 2.61 13.30 5.29
N ALA A 415 1.87 12.58 4.46
CA ALA A 415 2.40 12.17 3.16
C ALA A 415 2.76 13.37 2.29
N ARG A 416 1.89 14.38 2.25
CA ARG A 416 2.17 15.51 1.37
C ARG A 416 3.26 16.40 1.98
N MET A 417 3.35 16.46 3.30
CA MET A 417 4.38 17.29 3.93
C MET A 417 5.78 16.80 3.56
N MET A 418 6.00 15.47 3.54
CA MET A 418 7.35 14.98 3.29
C MET A 418 7.76 15.14 1.83
N MET A 419 6.79 15.29 0.91
CA MET A 419 7.09 15.58 -0.48
C MET A 419 7.20 17.06 -0.76
N TYR A 420 6.35 17.90 -0.17
CA TYR A 420 6.39 19.34 -0.46
C TYR A 420 7.41 20.09 0.37
N TYR A 421 7.90 19.49 1.46
CA TYR A 421 8.94 20.07 2.30
C TYR A 421 10.09 19.07 2.43
N PRO A 422 10.83 18.84 1.34
CA PRO A 422 11.85 17.79 1.38
C PRO A 422 13.07 18.19 2.20
N GLY A 423 13.78 17.19 2.72
CA GLY A 423 15.04 17.42 3.39
C GLY A 423 14.97 17.89 4.83
N ILE A 424 13.80 17.98 5.42
CA ILE A 424 13.64 18.44 6.80
C ILE A 424 12.57 17.58 7.48
N VAL A 425 12.38 17.83 8.78
CA VAL A 425 11.32 17.25 9.57
C VAL A 425 10.23 18.30 9.74
N THR A 426 9.00 17.97 9.34
CA THR A 426 7.86 18.86 9.46
C THR A 426 6.82 18.24 10.37
N CYS A 427 6.03 19.10 11.01
CA CYS A 427 4.96 18.67 11.90
C CYS A 427 3.77 19.62 11.73
N ASP A 428 2.58 19.12 12.04
CA ASP A 428 1.38 19.92 11.93
C ASP A 428 1.14 20.71 13.21
N SER A 429 0.02 21.44 13.22
CA SER A 429 -0.29 22.31 14.34
C SER A 429 -0.62 21.53 15.60
N VAL A 430 -1.31 20.39 15.44
CA VAL A 430 -1.67 19.57 16.60
C VAL A 430 -0.40 19.10 17.30
N THR A 431 0.55 18.59 16.53
CA THR A 431 1.79 18.08 17.09
C THR A 431 2.59 19.20 17.74
N TYR A 432 2.64 20.37 17.10
CA TYR A 432 3.44 21.47 17.63
C TYR A 432 2.89 21.94 18.98
N ASN A 433 1.60 22.26 19.05
CA ASN A 433 1.05 22.85 20.27
C ASN A 433 1.00 21.81 21.40
N GLY A 434 0.68 20.56 21.07
CA GLY A 434 0.56 19.53 22.08
C GLY A 434 1.87 19.02 22.61
N SER A 435 2.96 19.23 21.88
CA SER A 435 4.26 18.76 22.34
C SER A 435 4.66 19.48 23.63
N ASN A 436 5.44 18.78 24.44
CA ASN A 436 5.98 19.32 25.69
C ASN A 436 7.34 19.99 25.46
N LEU A 437 7.48 20.68 24.34
CA LEU A 437 8.72 21.28 23.89
C LEU A 437 8.53 22.77 23.66
N PRO A 438 9.60 23.56 23.82
CA PRO A 438 9.48 25.01 23.64
C PRO A 438 9.48 25.43 22.17
N ALA A 439 9.04 26.66 21.95
CA ALA A 439 8.75 27.12 20.60
C ALA A 439 10.00 27.26 19.75
N TYR A 440 11.14 27.59 20.37
CA TYR A 440 12.35 27.80 19.56
C TYR A 440 12.93 26.50 19.02
N PHE A 441 12.42 25.34 19.46
CA PHE A 441 12.78 24.09 18.79
C PHE A 441 12.21 24.00 17.39
N PHE A 442 11.28 24.87 17.03
CA PHE A 442 10.54 24.80 15.78
C PHE A 442 10.79 26.03 14.93
N LYS A 443 10.38 25.94 13.67
CA LYS A 443 10.27 27.10 12.81
C LYS A 443 8.93 27.07 12.11
N GLU A 444 8.21 28.19 12.11
CA GLU A 444 6.97 28.30 11.36
C GLU A 444 7.28 28.41 9.86
N LEU A 445 6.59 27.60 9.04
CA LEU A 445 6.95 27.44 7.64
C LEU A 445 6.04 28.22 6.72
N PRO A 446 6.47 28.47 5.49
CA PRO A 446 5.55 28.95 4.46
C PRO A 446 4.48 27.91 4.17
N LYS A 447 3.27 28.38 3.89
CA LYS A 447 2.14 27.47 3.65
C LYS A 447 2.04 27.22 2.14
N LYS A 448 2.32 26.00 1.74
CA LYS A 448 2.28 25.61 0.34
C LYS A 448 0.96 24.92 0.03
N VAL A 449 0.41 25.22 -1.14
CA VAL A 449 -0.76 24.50 -1.61
C VAL A 449 -0.37 23.07 -1.95
N MET A 450 -1.13 22.11 -1.43
CA MET A 450 -0.77 20.69 -1.52
C MET A 450 -1.95 19.86 -2.00
N LYS A 451 -1.66 18.93 -2.91
CA LYS A 451 -2.70 18.10 -3.51
C LYS A 451 -3.42 17.28 -2.45
N GLY A 452 -4.75 17.40 -2.42
CA GLY A 452 -5.55 16.62 -1.51
C GLY A 452 -5.59 17.11 -0.09
N VAL A 453 -5.13 18.35 0.16
CA VAL A 453 -5.12 18.93 1.50
C VAL A 453 -5.72 20.33 1.37
N ALA A 454 -7.01 20.45 1.67
CA ALA A 454 -7.68 21.73 1.52
C ALA A 454 -7.07 22.78 2.45
N ASP A 455 -7.01 22.47 3.75
CA ASP A 455 -6.53 23.42 4.75
C ASP A 455 -5.48 22.73 5.63
N SER A 456 -4.21 23.07 5.38
CA SER A 456 -3.10 22.51 6.14
C SER A 456 -3.22 22.83 7.63
N GLY A 457 -3.57 24.06 7.97
CA GLY A 457 -3.27 24.62 9.27
C GLY A 457 -1.81 25.02 9.29
N PRO A 458 -1.38 25.75 10.32
CA PRO A 458 0.04 26.13 10.40
C PRO A 458 0.92 24.88 10.41
N LEU A 459 1.95 24.89 9.55
CA LEU A 459 2.95 23.84 9.52
C LEU A 459 4.24 24.38 10.10
N TYR A 460 5.01 23.49 10.72
CA TYR A 460 6.27 23.85 11.35
C TYR A 460 7.36 22.88 10.94
N GLN A 461 8.60 23.37 10.94
CA GLN A 461 9.77 22.50 10.88
C GLN A 461 10.23 22.23 12.30
N TYR A 462 10.53 20.97 12.58
CA TYR A 462 11.17 20.59 13.84
C TYR A 462 12.67 20.87 13.67
N TRP A 463 13.10 22.04 14.14
CA TRP A 463 14.48 22.46 13.95
C TRP A 463 15.43 21.64 14.82
N GLY A 464 15.02 21.33 16.04
CA GLY A 464 15.87 20.64 17.00
C GLY A 464 16.21 21.50 18.20
N ARG A 465 16.90 20.87 19.14
CA ARG A 465 17.19 21.50 20.43
C ARG A 465 18.24 22.61 20.31
N THR A 466 19.04 22.62 19.25
CA THR A 466 20.14 23.55 19.13
C THR A 466 19.96 24.40 17.89
N GLU A 467 20.71 25.50 17.84
CA GLU A 467 20.78 26.34 16.65
C GLU A 467 21.43 25.58 15.50
N LYS A 468 22.40 24.72 15.80
CA LYS A 468 23.10 23.91 14.80
C LYS A 468 22.63 22.47 14.86
#